data_6PPC
#
_entry.id   6PPC
#
_entity_poly.entity_id   1
_entity_poly.type   'polypeptide(L)'
_entity_poly.pdbx_seq_one_letter_code
;EDCGSDCMPCGGECCCEPNSCIDGTCHHESSPN
;
_entity_poly.pdbx_strand_id   A
#
# COMPACT_ATOMS: atom_id res chain seq x y z
N GLU A 1 -16.19 -1.43 2.77
CA GLU A 1 -15.21 -1.47 3.85
C GLU A 1 -13.85 -0.97 3.37
N ASP A 2 -13.15 -0.24 4.23
CA ASP A 2 -11.85 0.31 3.90
C ASP A 2 -10.80 -0.12 4.92
N CYS A 3 -9.53 0.09 4.59
CA CYS A 3 -8.43 -0.29 5.47
C CYS A 3 -7.96 0.92 6.28
N GLY A 4 -7.36 1.89 5.59
CA GLY A 4 -6.87 3.08 6.25
C GLY A 4 -6.82 4.28 5.33
N SER A 5 -6.11 5.32 5.75
CA SER A 5 -6.00 6.54 4.96
C SER A 5 -5.32 6.26 3.62
N ASP A 6 -6.14 6.03 2.59
CA ASP A 6 -5.61 5.75 1.26
C ASP A 6 -4.82 4.44 1.25
N CYS A 7 -5.21 3.52 2.12
CA CYS A 7 -4.53 2.24 2.22
C CYS A 7 -5.40 1.11 1.64
N MET A 8 -4.78 -0.01 1.30
CA MET A 8 -5.49 -1.15 0.74
C MET A 8 -5.08 -2.44 1.44
N PRO A 9 -5.98 -3.43 1.42
CA PRO A 9 -5.74 -4.73 2.05
C PRO A 9 -4.70 -5.54 1.31
N CYS A 10 -3.60 -5.86 1.99
CA CYS A 10 -2.52 -6.64 1.38
C CYS A 10 -2.26 -7.91 2.17
N GLY A 11 -3.06 -8.94 1.90
CA GLY A 11 -2.90 -10.21 2.60
C GLY A 11 -2.87 -10.04 4.10
N GLY A 12 -3.99 -9.57 4.67
CA GLY A 12 -4.07 -9.38 6.10
C GLY A 12 -3.24 -8.20 6.57
N GLU A 13 -2.80 -7.37 5.62
CA GLU A 13 -1.98 -6.21 5.95
C GLU A 13 -2.67 -4.92 5.48
N CYS A 14 -1.93 -3.82 5.53
CA CYS A 14 -2.45 -2.52 5.11
C CYS A 14 -1.35 -1.64 4.54
N CYS A 15 -1.34 -1.50 3.22
CA CYS A 15 -0.34 -0.69 2.55
C CYS A 15 -0.86 0.72 2.29
N CYS A 16 -0.29 1.70 2.99
CA CYS A 16 -0.69 3.10 2.85
C CYS A 16 0.31 3.87 1.99
N GLU A 17 -0.16 4.95 1.37
CA GLU A 17 0.69 5.77 0.52
C GLU A 17 1.89 6.28 1.29
N PRO A 18 2.93 6.71 0.56
CA PRO A 18 2.93 6.68 -0.90
C PRO A 18 2.98 5.26 -1.46
N ASN A 19 3.26 4.30 -0.59
CA ASN A 19 3.34 2.90 -1.00
C ASN A 19 2.07 2.47 -1.75
N SER A 20 2.09 1.26 -2.28
CA SER A 20 0.95 0.74 -3.02
C SER A 20 0.74 -0.75 -2.74
N CYS A 21 -0.51 -1.19 -2.78
CA CYS A 21 -0.84 -2.59 -2.54
C CYS A 21 -1.00 -3.35 -3.84
N ILE A 22 0.09 -3.96 -4.32
CA ILE A 22 0.06 -4.72 -5.55
C ILE A 22 0.70 -6.09 -5.37
N ASP A 23 0.31 -7.04 -6.20
CA ASP A 23 0.84 -8.40 -6.14
C ASP A 23 0.65 -8.99 -4.75
N GLY A 24 -0.33 -8.46 -4.01
CA GLY A 24 -0.60 -8.94 -2.67
C GLY A 24 0.43 -8.50 -1.67
N THR A 25 1.37 -7.67 -2.11
CA THR A 25 2.43 -7.17 -1.25
C THR A 25 2.47 -5.64 -1.25
N CYS A 26 3.26 -5.07 -0.33
CA CYS A 26 3.38 -3.63 -0.23
C CYS A 26 4.51 -3.11 -1.11
N HIS A 27 4.15 -2.57 -2.27
CA HIS A 27 5.14 -2.04 -3.20
C HIS A 27 5.58 -0.65 -2.78
N HIS A 28 6.75 -0.58 -2.15
CA HIS A 28 7.29 0.70 -1.69
C HIS A 28 7.35 1.71 -2.83
N GLU A 29 7.52 2.98 -2.49
CA GLU A 29 7.59 4.04 -3.48
C GLU A 29 8.82 4.92 -3.26
N SER A 30 9.67 5.00 -4.27
CA SER A 30 10.89 5.81 -4.18
C SER A 30 10.65 7.21 -4.72
N SER A 31 11.67 8.05 -4.64
CA SER A 31 11.57 9.43 -5.11
C SER A 31 12.87 9.86 -5.80
N PRO A 32 13.09 9.34 -7.02
CA PRO A 32 14.28 9.66 -7.81
C PRO A 32 14.28 11.10 -8.32
N ASN A 33 15.16 11.92 -7.77
CA ASN A 33 15.25 13.32 -8.17
C ASN A 33 16.68 13.83 -8.01
N GLU A 1 -14.59 -2.58 3.60
CA GLU A 1 -14.35 -1.34 4.35
C GLU A 1 -12.98 -0.78 4.02
N ASP A 2 -12.89 0.55 3.98
CA ASP A 2 -11.63 1.22 3.67
C ASP A 2 -10.56 0.88 4.70
N CYS A 3 -9.43 0.38 4.23
CA CYS A 3 -8.32 0.00 5.11
C CYS A 3 -7.81 1.21 5.87
N GLY A 4 -7.20 2.16 5.16
CA GLY A 4 -6.67 3.35 5.79
C GLY A 4 -6.57 4.52 4.82
N SER A 5 -5.83 5.55 5.23
CA SER A 5 -5.66 6.73 4.39
C SER A 5 -4.98 6.38 3.08
N ASP A 6 -5.78 6.16 2.04
CA ASP A 6 -5.26 5.81 0.72
C ASP A 6 -4.51 4.48 0.76
N CYS A 7 -4.95 3.59 1.65
CA CYS A 7 -4.32 2.28 1.80
C CYS A 7 -5.23 1.18 1.25
N MET A 8 -4.63 0.04 0.94
CA MET A 8 -5.39 -1.10 0.41
C MET A 8 -5.02 -2.38 1.15
N PRO A 9 -5.97 -3.34 1.16
CA PRO A 9 -5.77 -4.63 1.83
C PRO A 9 -4.74 -5.50 1.11
N CYS A 10 -3.67 -5.84 1.81
CA CYS A 10 -2.62 -6.68 1.24
C CYS A 10 -2.41 -7.94 2.08
N GLY A 11 -3.26 -8.94 1.82
CA GLY A 11 -3.16 -10.19 2.56
C GLY A 11 -3.14 -9.98 4.05
N GLY A 12 -4.24 -9.47 4.60
CA GLY A 12 -4.32 -9.23 6.03
C GLY A 12 -3.45 -8.07 6.48
N GLU A 13 -2.97 -7.30 5.51
CA GLU A 13 -2.12 -6.15 5.81
C GLU A 13 -2.73 -4.86 5.28
N CYS A 14 -1.95 -3.78 5.31
CA CYS A 14 -2.43 -2.49 4.83
C CYS A 14 -1.28 -1.67 4.25
N CYS A 15 -1.28 -1.52 2.93
CA CYS A 15 -0.24 -0.76 2.25
C CYS A 15 -0.70 0.66 1.95
N CYS A 16 -0.10 1.64 2.62
CA CYS A 16 -0.46 3.03 2.43
C CYS A 16 0.58 3.74 1.55
N GLU A 17 0.15 4.82 0.89
CA GLU A 17 1.04 5.57 0.02
C GLU A 17 2.27 6.07 0.79
N PRO A 18 3.33 6.43 0.06
CA PRO A 18 3.33 6.35 -1.41
C PRO A 18 3.34 4.91 -1.91
N ASN A 19 3.57 3.97 -1.01
CA ASN A 19 3.61 2.56 -1.36
C ASN A 19 2.34 2.16 -2.11
N SER A 20 2.32 0.93 -2.61
CA SER A 20 1.18 0.43 -3.35
C SER A 20 0.92 -1.04 -3.02
N CYS A 21 -0.35 -1.44 -3.08
CA CYS A 21 -0.74 -2.82 -2.78
C CYS A 21 -0.92 -3.62 -4.06
N ILE A 22 0.16 -4.28 -4.49
CA ILE A 22 0.12 -5.09 -5.71
C ILE A 22 0.71 -6.47 -5.46
N ASP A 23 0.29 -7.44 -6.28
CA ASP A 23 0.78 -8.81 -6.15
C ASP A 23 0.54 -9.35 -4.75
N GLY A 24 -0.43 -8.75 -4.05
CA GLY A 24 -0.74 -9.18 -2.69
C GLY A 24 0.30 -8.74 -1.69
N THR A 25 1.27 -7.96 -2.15
CA THR A 25 2.34 -7.47 -1.27
C THR A 25 2.43 -5.95 -1.32
N CYS A 26 3.22 -5.38 -0.42
CA CYS A 26 3.40 -3.94 -0.36
C CYS A 26 4.56 -3.49 -1.24
N HIS A 27 4.24 -2.98 -2.42
CA HIS A 27 5.26 -2.52 -3.36
C HIS A 27 5.76 -1.12 -2.98
N HIS A 28 6.90 -1.08 -2.31
CA HIS A 28 7.47 0.20 -1.88
C HIS A 28 7.59 1.16 -3.05
N GLU A 29 7.85 2.43 -2.75
CA GLU A 29 7.96 3.46 -3.77
C GLU A 29 9.08 4.44 -3.43
N SER A 30 10.08 4.52 -4.31
CA SER A 30 11.21 5.42 -4.10
C SER A 30 11.40 6.34 -5.30
N SER A 31 10.68 7.45 -5.31
CA SER A 31 10.77 8.41 -6.40
C SER A 31 10.93 9.83 -5.85
N PRO A 32 12.11 10.13 -5.31
CA PRO A 32 12.42 11.45 -4.76
C PRO A 32 12.53 12.53 -5.83
N ASN A 33 12.70 13.78 -5.40
CA ASN A 33 12.83 14.89 -6.33
C ASN A 33 14.20 15.54 -6.22
N GLU A 1 -15.21 -2.29 3.69
CA GLU A 1 -14.58 -1.42 4.68
C GLU A 1 -13.37 -0.72 4.08
N ASP A 2 -12.77 0.17 4.87
CA ASP A 2 -11.59 0.91 4.42
C ASP A 2 -10.35 0.51 5.23
N CYS A 3 -9.18 0.76 4.65
CA CYS A 3 -7.93 0.44 5.33
C CYS A 3 -7.31 1.67 5.97
N GLY A 4 -6.94 2.65 5.16
CA GLY A 4 -6.34 3.87 5.68
C GLY A 4 -6.31 4.97 4.65
N SER A 5 -5.52 6.01 4.93
CA SER A 5 -5.40 7.15 4.02
C SER A 5 -4.81 6.71 2.69
N ASP A 6 -5.67 6.42 1.73
CA ASP A 6 -5.24 5.99 0.40
C ASP A 6 -4.50 4.66 0.48
N CYS A 7 -4.85 3.86 1.48
CA CYS A 7 -4.21 2.56 1.66
C CYS A 7 -5.15 1.43 1.24
N MET A 8 -4.57 0.26 0.98
CA MET A 8 -5.36 -0.90 0.57
C MET A 8 -4.96 -2.14 1.36
N PRO A 9 -5.89 -3.09 1.49
CA PRO A 9 -5.64 -4.34 2.22
C PRO A 9 -4.67 -5.26 1.48
N CYS A 10 -3.56 -5.59 2.15
CA CYS A 10 -2.55 -6.46 1.56
C CYS A 10 -2.33 -7.69 2.43
N GLY A 11 -3.19 -8.69 2.26
CA GLY A 11 -3.07 -9.91 3.04
C GLY A 11 -2.97 -9.64 4.53
N GLY A 12 -4.08 -9.22 5.12
CA GLY A 12 -4.10 -8.94 6.55
C GLY A 12 -3.22 -7.77 6.92
N GLU A 13 -2.78 -7.01 5.90
CA GLU A 13 -1.93 -5.85 6.12
C GLU A 13 -2.52 -4.61 5.46
N CYS A 14 -1.74 -3.54 5.42
CA CYS A 14 -2.18 -2.29 4.82
C CYS A 14 -1.01 -1.56 4.14
N CYS A 15 -1.19 -1.21 2.87
CA CYS A 15 -0.16 -0.51 2.12
C CYS A 15 -0.61 0.89 1.76
N CYS A 16 0.06 1.89 2.34
CA CYS A 16 -0.27 3.29 2.08
C CYS A 16 0.74 3.92 1.14
N GLU A 17 0.31 4.95 0.42
CA GLU A 17 1.19 5.64 -0.53
C GLU A 17 2.43 6.16 0.17
N PRO A 18 3.48 6.46 -0.62
CA PRO A 18 3.44 6.28 -2.08
C PRO A 18 3.40 4.81 -2.49
N ASN A 19 3.65 3.93 -1.53
CA ASN A 19 3.65 2.49 -1.79
C ASN A 19 2.36 2.07 -2.49
N SER A 20 2.31 0.81 -2.92
CA SER A 20 1.15 0.28 -3.60
C SER A 20 0.87 -1.15 -3.17
N CYS A 21 -0.41 -1.53 -3.18
CA CYS A 21 -0.82 -2.88 -2.79
C CYS A 21 -1.04 -3.76 -4.01
N ILE A 22 0.02 -4.47 -4.42
CA ILE A 22 -0.07 -5.34 -5.59
C ILE A 22 0.50 -6.72 -5.26
N ASP A 23 0.04 -7.73 -6.01
CA ASP A 23 0.50 -9.10 -5.80
C ASP A 23 0.28 -9.54 -4.35
N GLY A 24 -0.65 -8.88 -3.68
CA GLY A 24 -0.95 -9.22 -2.30
C GLY A 24 0.13 -8.74 -1.34
N THR A 25 1.11 -8.00 -1.87
CA THR A 25 2.19 -7.48 -1.07
C THR A 25 2.32 -5.97 -1.21
N CYS A 26 3.14 -5.37 -0.36
CA CYS A 26 3.34 -3.92 -0.39
C CYS A 26 4.49 -3.55 -1.31
N HIS A 27 4.16 -3.12 -2.52
CA HIS A 27 5.16 -2.74 -3.51
C HIS A 27 5.70 -1.34 -3.23
N HIS A 28 6.87 -1.27 -2.59
CA HIS A 28 7.48 0.01 -2.26
C HIS A 28 7.60 0.90 -3.49
N GLU A 29 7.84 2.18 -3.28
CA GLU A 29 7.99 3.13 -4.37
C GLU A 29 9.10 4.13 -4.10
N SER A 30 9.63 4.74 -5.15
CA SER A 30 10.70 5.72 -5.02
C SER A 30 10.14 7.12 -4.86
N SER A 31 10.88 7.96 -4.13
CA SER A 31 10.46 9.33 -3.88
C SER A 31 11.55 10.32 -4.26
N PRO A 32 11.77 10.48 -5.58
CA PRO A 32 12.79 11.40 -6.10
C PRO A 32 12.44 12.86 -5.87
N ASN A 33 13.05 13.46 -4.86
CA ASN A 33 12.79 14.86 -4.52
C ASN A 33 13.37 15.78 -5.59
N GLU A 1 -15.75 -0.86 2.40
CA GLU A 1 -14.78 -1.24 3.41
C GLU A 1 -13.37 -0.75 3.03
N ASP A 2 -12.84 0.16 3.84
CA ASP A 2 -11.51 0.71 3.60
C ASP A 2 -10.51 0.21 4.64
N CYS A 3 -9.25 0.59 4.47
CA CYS A 3 -8.19 0.19 5.39
C CYS A 3 -7.67 1.39 6.17
N GLY A 4 -6.99 2.29 5.47
CA GLY A 4 -6.44 3.48 6.11
C GLY A 4 -6.35 4.66 5.17
N SER A 5 -5.57 5.66 5.55
CA SER A 5 -5.39 6.85 4.73
C SER A 5 -4.77 6.50 3.39
N ASP A 6 -5.61 6.31 2.38
CA ASP A 6 -5.14 5.96 1.04
C ASP A 6 -4.42 4.62 1.04
N CYS A 7 -4.81 3.75 1.97
CA CYS A 7 -4.20 2.42 2.08
C CYS A 7 -5.14 1.35 1.54
N MET A 8 -4.58 0.19 1.20
CA MET A 8 -5.36 -0.92 0.67
C MET A 8 -5.01 -2.22 1.38
N PRO A 9 -5.97 -3.15 1.40
CA PRO A 9 -5.77 -4.46 2.05
C PRO A 9 -4.79 -5.34 1.30
N CYS A 10 -3.71 -5.73 1.97
CA CYS A 10 -2.69 -6.57 1.37
C CYS A 10 -2.51 -7.86 2.17
N GLY A 11 -3.37 -8.84 1.92
CA GLY A 11 -3.30 -10.10 2.62
C GLY A 11 -3.24 -9.93 4.12
N GLY A 12 -4.32 -9.40 4.69
CA GLY A 12 -4.38 -9.19 6.13
C GLY A 12 -3.47 -8.06 6.58
N GLU A 13 -2.99 -7.28 5.63
CA GLU A 13 -2.10 -6.16 5.94
C GLU A 13 -2.69 -4.85 5.43
N CYS A 14 -1.89 -3.79 5.47
CA CYS A 14 -2.33 -2.47 5.01
C CYS A 14 -1.17 -1.69 4.43
N CYS A 15 -1.22 -1.44 3.12
CA CYS A 15 -0.17 -0.70 2.43
C CYS A 15 -0.62 0.73 2.15
N CYS A 16 0.02 1.68 2.82
CA CYS A 16 -0.31 3.09 2.65
C CYS A 16 0.73 3.79 1.78
N GLU A 17 0.32 4.88 1.13
CA GLU A 17 1.22 5.64 0.26
C GLU A 17 2.46 6.10 1.02
N PRO A 18 3.51 6.44 0.28
CA PRO A 18 3.50 6.38 -1.19
C PRO A 18 3.47 4.95 -1.72
N ASN A 19 3.70 4.00 -0.81
CA ASN A 19 3.69 2.58 -1.19
C ASN A 19 2.42 2.22 -1.93
N SER A 20 2.36 0.99 -2.44
CA SER A 20 1.19 0.52 -3.17
C SER A 20 0.91 -0.94 -2.86
N CYS A 21 -0.37 -1.31 -2.90
CA CYS A 21 -0.78 -2.69 -2.62
C CYS A 21 -0.98 -3.47 -3.91
N ILE A 22 0.06 -4.15 -4.37
CA ILE A 22 0.00 -4.94 -5.58
C ILE A 22 0.57 -6.34 -5.36
N ASP A 23 0.11 -7.29 -6.18
CA ASP A 23 0.59 -8.67 -6.08
C ASP A 23 0.35 -9.22 -4.68
N GLY A 24 -0.60 -8.62 -3.96
CA GLY A 24 -0.90 -9.06 -2.62
C GLY A 24 0.16 -8.65 -1.61
N THR A 25 1.14 -7.88 -2.08
CA THR A 25 2.22 -7.42 -1.21
C THR A 25 2.34 -5.90 -1.24
N CYS A 26 3.16 -5.36 -0.34
CA CYS A 26 3.36 -3.92 -0.26
C CYS A 26 4.52 -3.48 -1.15
N HIS A 27 4.20 -2.96 -2.33
CA HIS A 27 5.21 -2.50 -3.26
C HIS A 27 5.74 -1.12 -2.87
N HIS A 28 6.89 -1.10 -2.21
CA HIS A 28 7.50 0.15 -1.78
C HIS A 28 7.61 1.13 -2.94
N GLU A 29 7.92 2.39 -2.62
CA GLU A 29 8.05 3.43 -3.63
C GLU A 29 9.21 4.37 -3.31
N SER A 30 9.52 5.26 -4.24
CA SER A 30 10.61 6.21 -4.05
C SER A 30 10.26 7.56 -4.67
N SER A 31 10.86 8.63 -4.13
CA SER A 31 10.61 9.97 -4.63
C SER A 31 11.90 10.80 -4.64
N PRO A 32 12.83 10.43 -5.53
CA PRO A 32 14.11 11.12 -5.65
C PRO A 32 13.97 12.52 -6.24
N ASN A 33 12.82 12.77 -6.86
CA ASN A 33 12.55 14.07 -7.46
C ASN A 33 12.18 15.10 -6.40
N GLU A 1 -13.56 -1.38 0.36
CA GLU A 1 -13.39 -1.24 1.80
C GLU A 1 -12.33 -0.18 2.12
N ASP A 2 -12.49 0.48 3.25
CA ASP A 2 -11.56 1.52 3.68
C ASP A 2 -10.49 0.94 4.60
N CYS A 3 -9.24 0.98 4.16
CA CYS A 3 -8.13 0.46 4.95
C CYS A 3 -7.52 1.55 5.82
N GLY A 4 -6.96 2.57 5.17
CA GLY A 4 -6.35 3.66 5.90
C GLY A 4 -6.12 4.88 5.04
N SER A 5 -5.32 5.82 5.54
CA SER A 5 -5.03 7.05 4.81
C SER A 5 -4.30 6.74 3.49
N ASP A 6 -5.07 6.64 2.42
CA ASP A 6 -4.50 6.34 1.10
C ASP A 6 -3.85 4.97 1.09
N CYS A 7 -4.37 4.06 1.91
CA CYS A 7 -3.84 2.71 2.00
C CYS A 7 -4.78 1.72 1.32
N MET A 8 -4.24 0.55 0.98
CA MET A 8 -5.03 -0.48 0.32
C MET A 8 -4.83 -1.84 0.99
N PRO A 9 -5.82 -2.73 0.87
CA PRO A 9 -5.76 -4.07 1.46
C PRO A 9 -4.76 -4.97 0.75
N CYS A 10 -3.76 -5.42 1.50
CA CYS A 10 -2.73 -6.29 0.95
C CYS A 10 -2.67 -7.62 1.69
N GLY A 11 -3.55 -8.55 1.33
CA GLY A 11 -3.58 -9.84 1.98
C GLY A 11 -3.66 -9.72 3.49
N GLY A 12 -4.76 -9.15 3.99
CA GLY A 12 -4.92 -9.00 5.42
C GLY A 12 -4.01 -7.94 5.99
N GLU A 13 -3.41 -7.14 5.13
CA GLU A 13 -2.50 -6.08 5.55
C GLU A 13 -3.00 -4.71 5.09
N CYS A 14 -2.16 -3.70 5.24
CA CYS A 14 -2.52 -2.34 4.83
C CYS A 14 -1.28 -1.56 4.38
N CYS A 15 -1.15 -1.38 3.08
CA CYS A 15 -0.01 -0.65 2.51
C CYS A 15 -0.37 0.82 2.29
N CYS A 16 0.26 1.70 3.05
CA CYS A 16 0.02 3.13 2.94
C CYS A 16 1.16 3.81 2.20
N GLU A 17 0.85 4.96 1.59
CA GLU A 17 1.85 5.72 0.84
C GLU A 17 3.05 6.07 1.73
N PRO A 18 4.18 6.40 1.09
CA PRO A 18 4.29 6.42 -0.38
C PRO A 18 4.22 5.02 -0.99
N ASN A 19 4.33 4.01 -0.13
CA ASN A 19 4.29 2.62 -0.59
C ASN A 19 3.05 2.36 -1.44
N SER A 20 2.97 1.17 -2.03
CA SER A 20 1.84 0.81 -2.87
C SER A 20 1.46 -0.66 -2.67
N CYS A 21 0.18 -0.97 -2.84
CA CYS A 21 -0.32 -2.33 -2.67
C CYS A 21 -0.45 -3.03 -4.02
N ILE A 22 0.60 -3.72 -4.42
CA ILE A 22 0.59 -4.44 -5.69
C ILE A 22 1.06 -5.88 -5.52
N ASP A 23 0.64 -6.76 -6.43
CA ASP A 23 1.03 -8.15 -6.38
C ASP A 23 0.65 -8.78 -5.04
N GLY A 24 -0.32 -8.16 -4.35
CA GLY A 24 -0.74 -8.66 -3.06
C GLY A 24 0.26 -8.37 -1.96
N THR A 25 1.30 -7.63 -2.30
CA THR A 25 2.34 -7.28 -1.33
C THR A 25 2.53 -5.77 -1.26
N CYS A 26 3.30 -5.32 -0.27
CA CYS A 26 3.56 -3.91 -0.08
C CYS A 26 4.81 -3.48 -0.85
N HIS A 27 4.60 -2.87 -2.02
CA HIS A 27 5.71 -2.41 -2.85
C HIS A 27 6.27 -1.09 -2.33
N HIS A 28 7.38 -1.17 -1.59
CA HIS A 28 8.01 0.03 -1.04
C HIS A 28 8.24 1.08 -2.13
N GLU A 29 8.58 2.28 -1.70
CA GLU A 29 8.82 3.38 -2.64
C GLU A 29 10.06 4.19 -2.22
N SER A 30 10.62 4.93 -3.17
CA SER A 30 11.79 5.74 -2.91
C SER A 30 11.47 7.23 -3.03
N SER A 31 10.85 7.60 -4.15
CA SER A 31 10.49 8.99 -4.41
C SER A 31 9.07 9.09 -4.98
N PRO A 32 8.48 10.28 -4.87
CA PRO A 32 7.12 10.54 -5.37
C PRO A 32 7.06 10.53 -6.90
N ASN A 33 6.53 9.43 -7.46
CA ASN A 33 6.41 9.30 -8.91
C ASN A 33 4.95 9.17 -9.31
N GLU A 1 -16.08 0.30 4.49
CA GLU A 1 -14.92 0.85 5.16
C GLU A 1 -13.63 0.57 4.38
N ASP A 2 -12.61 1.38 4.61
CA ASP A 2 -11.34 1.22 3.92
C ASP A 2 -10.21 0.96 4.93
N CYS A 3 -9.10 0.43 4.44
CA CYS A 3 -7.95 0.14 5.29
C CYS A 3 -7.43 1.41 5.95
N GLY A 4 -6.86 2.30 5.13
CA GLY A 4 -6.33 3.55 5.65
C GLY A 4 -6.32 4.65 4.62
N SER A 5 -5.57 5.72 4.89
CA SER A 5 -5.48 6.85 3.97
C SER A 5 -4.87 6.42 2.64
N ASP A 6 -5.73 6.11 1.68
CA ASP A 6 -5.27 5.68 0.37
C ASP A 6 -4.49 4.38 0.46
N CYS A 7 -4.85 3.55 1.43
CA CYS A 7 -4.18 2.26 1.62
C CYS A 7 -5.09 1.10 1.20
N MET A 8 -4.48 -0.04 0.95
CA MET A 8 -5.24 -1.23 0.54
C MET A 8 -4.81 -2.46 1.35
N PRO A 9 -5.72 -3.43 1.47
CA PRO A 9 -5.46 -4.66 2.22
C PRO A 9 -4.45 -5.57 1.51
N CYS A 10 -3.33 -5.82 2.18
CA CYS A 10 -2.29 -6.67 1.62
C CYS A 10 -2.01 -7.86 2.52
N GLY A 11 -2.82 -8.91 2.39
CA GLY A 11 -2.63 -10.09 3.21
C GLY A 11 -2.55 -9.77 4.69
N GLY A 12 -3.63 -9.23 5.24
CA GLY A 12 -3.65 -8.89 6.65
C GLY A 12 -2.80 -7.68 6.95
N GLU A 13 -2.37 -6.96 5.91
CA GLU A 13 -1.54 -5.78 6.08
C GLU A 13 -2.23 -4.54 5.51
N CYS A 14 -1.49 -3.45 5.42
CA CYS A 14 -2.03 -2.20 4.90
C CYS A 14 -0.94 -1.40 4.19
N CYS A 15 -0.98 -1.38 2.86
CA CYS A 15 0.00 -0.65 2.07
C CYS A 15 -0.53 0.73 1.69
N CYS A 16 0.09 1.76 2.26
CA CYS A 16 -0.32 3.14 1.98
C CYS A 16 0.65 3.81 1.01
N GLU A 17 0.16 4.82 0.30
CA GLU A 17 0.98 5.55 -0.66
C GLU A 17 2.23 6.12 0.01
N PRO A 18 3.24 6.44 -0.82
CA PRO A 18 3.17 6.28 -2.26
C PRO A 18 3.18 4.80 -2.68
N ASN A 19 3.50 3.93 -1.73
CA ASN A 19 3.54 2.50 -1.98
C ASN A 19 2.25 2.03 -2.63
N SER A 20 2.22 0.76 -3.04
CA SER A 20 1.05 0.17 -3.67
C SER A 20 0.85 -1.28 -3.22
N CYS A 21 -0.41 -1.71 -3.17
CA CYS A 21 -0.74 -3.07 -2.77
C CYS A 21 -0.96 -3.95 -3.98
N ILE A 22 0.10 -4.63 -4.42
CA ILE A 22 0.02 -5.51 -5.58
C ILE A 22 0.66 -6.86 -5.28
N ASP A 23 0.22 -7.89 -6.00
CA ASP A 23 0.76 -9.24 -5.82
C ASP A 23 0.62 -9.68 -4.37
N GLY A 24 -0.32 -9.07 -3.65
CA GLY A 24 -0.54 -9.42 -2.26
C GLY A 24 0.55 -8.88 -1.35
N THR A 25 1.46 -8.11 -1.92
CA THR A 25 2.56 -7.54 -1.15
C THR A 25 2.60 -6.02 -1.29
N CYS A 26 3.44 -5.37 -0.48
CA CYS A 26 3.57 -3.92 -0.53
C CYS A 26 4.66 -3.50 -1.51
N HIS A 27 4.25 -3.09 -2.70
CA HIS A 27 5.20 -2.66 -3.73
C HIS A 27 5.67 -1.23 -3.47
N HIS A 28 6.85 -1.10 -2.86
CA HIS A 28 7.41 0.21 -2.56
C HIS A 28 7.46 1.09 -3.80
N GLU A 29 7.72 2.38 -3.60
CA GLU A 29 7.78 3.32 -4.71
C GLU A 29 8.96 4.29 -4.54
N SER A 30 9.48 4.77 -5.65
CA SER A 30 10.62 5.69 -5.64
C SER A 30 10.16 7.12 -5.92
N SER A 31 10.41 8.02 -4.97
CA SER A 31 10.02 9.41 -5.10
C SER A 31 11.24 10.33 -5.06
N PRO A 32 11.08 11.55 -5.57
CA PRO A 32 12.16 12.55 -5.60
C PRO A 32 12.51 13.06 -4.21
N ASN A 33 13.56 12.50 -3.62
CA ASN A 33 14.01 12.91 -2.29
C ASN A 33 15.34 13.65 -2.35
N GLU A 1 -15.64 -2.32 1.62
CA GLU A 1 -15.00 -1.80 2.83
C GLU A 1 -13.55 -1.42 2.57
N ASP A 2 -13.15 -0.26 3.06
CA ASP A 2 -11.79 0.22 2.88
C ASP A 2 -10.87 -0.31 3.96
N CYS A 3 -9.60 0.08 3.91
CA CYS A 3 -8.62 -0.36 4.89
C CYS A 3 -8.20 0.78 5.80
N GLY A 4 -7.51 1.76 5.25
CA GLY A 4 -7.06 2.89 6.03
C GLY A 4 -6.92 4.16 5.21
N SER A 5 -6.23 5.15 5.75
CA SER A 5 -6.03 6.42 5.05
C SER A 5 -5.27 6.20 3.75
N ASP A 6 -6.00 6.07 2.65
CA ASP A 6 -5.39 5.86 1.34
C ASP A 6 -4.62 4.54 1.30
N CYS A 7 -5.08 3.57 2.08
CA CYS A 7 -4.43 2.27 2.13
C CYS A 7 -5.28 1.21 1.42
N MET A 8 -4.65 0.11 1.05
CA MET A 8 -5.34 -0.99 0.38
C MET A 8 -5.00 -2.33 1.02
N PRO A 9 -5.92 -3.29 0.87
CA PRO A 9 -5.75 -4.64 1.43
C PRO A 9 -4.67 -5.43 0.70
N CYS A 10 -3.63 -5.81 1.44
CA CYS A 10 -2.52 -6.57 0.87
C CYS A 10 -2.35 -7.91 1.59
N GLY A 11 -3.15 -8.89 1.21
CA GLY A 11 -3.06 -10.20 1.83
C GLY A 11 -3.14 -10.13 3.34
N GLY A 12 -4.28 -9.67 3.85
CA GLY A 12 -4.46 -9.56 5.28
C GLY A 12 -3.64 -8.43 5.89
N GLU A 13 -3.10 -7.58 5.02
CA GLU A 13 -2.29 -6.45 5.48
C GLU A 13 -2.92 -5.12 5.05
N CYS A 14 -2.16 -4.05 5.21
CA CYS A 14 -2.64 -2.72 4.85
C CYS A 14 -1.48 -1.82 4.42
N CYS A 15 -1.38 -1.58 3.12
CA CYS A 15 -0.32 -0.74 2.57
C CYS A 15 -0.81 0.70 2.37
N CYS A 16 -0.26 1.61 3.17
CA CYS A 16 -0.64 3.02 3.08
C CYS A 16 0.43 3.83 2.34
N GLU A 17 0.02 4.95 1.77
CA GLU A 17 0.94 5.80 1.03
C GLU A 17 2.10 6.24 1.91
N PRO A 18 3.19 6.70 1.28
CA PRO A 18 3.29 6.76 -0.18
C PRO A 18 3.36 5.37 -0.82
N ASN A 19 3.56 4.36 0.01
CA ASN A 19 3.65 2.98 -0.47
C ASN A 19 2.44 2.63 -1.33
N SER A 20 2.48 1.45 -1.94
CA SER A 20 1.38 0.99 -2.79
C SER A 20 1.14 -0.50 -2.61
N CYS A 21 -0.11 -0.92 -2.78
CA CYS A 21 -0.47 -2.32 -2.65
C CYS A 21 -0.55 -3.01 -4.01
N ILE A 22 0.56 -3.60 -4.42
CA ILE A 22 0.61 -4.29 -5.70
C ILE A 22 1.22 -5.68 -5.56
N ASP A 23 0.88 -6.57 -6.48
CA ASP A 23 1.40 -7.94 -6.45
C ASP A 23 1.09 -8.61 -5.13
N GLY A 24 0.06 -8.11 -4.44
CA GLY A 24 -0.31 -8.67 -3.16
C GLY A 24 0.66 -8.31 -2.05
N THR A 25 1.64 -7.47 -2.38
CA THR A 25 2.63 -7.04 -1.40
C THR A 25 2.69 -5.51 -1.30
N CYS A 26 3.41 -5.03 -0.31
CA CYS A 26 3.55 -3.59 -0.10
C CYS A 26 4.75 -3.03 -0.86
N HIS A 27 4.47 -2.43 -2.00
CA HIS A 27 5.54 -1.84 -2.83
C HIS A 27 5.96 -0.48 -2.29
N HIS A 28 7.07 -0.47 -1.55
CA HIS A 28 7.58 0.76 -0.96
C HIS A 28 7.81 1.81 -2.05
N GLU A 29 8.00 3.06 -1.62
CA GLU A 29 8.23 4.16 -2.56
C GLU A 29 9.42 5.00 -2.12
N SER A 30 10.34 5.24 -3.05
CA SER A 30 11.53 6.03 -2.76
C SER A 30 11.38 7.45 -3.30
N SER A 31 11.49 7.60 -4.61
CA SER A 31 11.37 8.90 -5.24
C SER A 31 10.41 8.84 -6.43
N PRO A 32 9.90 10.02 -6.85
CA PRO A 32 8.96 10.13 -7.97
C PRO A 32 9.64 9.83 -9.30
N ASN A 33 10.96 9.88 -9.32
CA ASN A 33 11.72 9.62 -10.54
C ASN A 33 12.48 8.30 -10.44
N GLU A 1 -16.27 -0.50 5.53
CA GLU A 1 -15.27 -1.50 5.90
C GLU A 1 -14.01 -1.33 5.07
N ASP A 2 -13.26 -0.27 5.36
CA ASP A 2 -12.02 0.01 4.64
C ASP A 2 -10.81 -0.23 5.54
N CYS A 3 -9.67 -0.51 4.92
CA CYS A 3 -8.44 -0.76 5.66
C CYS A 3 -7.99 0.49 6.42
N GLY A 4 -7.61 1.52 5.67
CA GLY A 4 -7.17 2.75 6.29
C GLY A 4 -7.25 3.93 5.34
N SER A 5 -6.60 5.04 5.71
CA SER A 5 -6.60 6.24 4.89
C SER A 5 -5.96 5.98 3.54
N ASP A 6 -6.79 5.67 2.54
CA ASP A 6 -6.30 5.40 1.19
C ASP A 6 -5.41 4.16 1.18
N CYS A 7 -5.66 3.24 2.11
CA CYS A 7 -4.88 2.01 2.21
C CYS A 7 -5.68 0.82 1.69
N MET A 8 -4.97 -0.25 1.34
CA MET A 8 -5.61 -1.45 0.82
C MET A 8 -5.06 -2.69 1.51
N PRO A 9 -5.88 -3.76 1.56
CA PRO A 9 -5.48 -5.03 2.18
C PRO A 9 -4.41 -5.76 1.38
N CYS A 10 -3.27 -6.00 2.03
CA CYS A 10 -2.16 -6.70 1.38
C CYS A 10 -1.78 -7.96 2.15
N GLY A 11 -2.53 -9.04 1.91
CA GLY A 11 -2.25 -10.29 2.59
C GLY A 11 -2.19 -10.13 4.10
N GLY A 12 -3.33 -9.86 4.71
CA GLY A 12 -3.38 -9.68 6.16
C GLY A 12 -2.65 -8.43 6.61
N GLU A 13 -2.29 -7.57 5.65
CA GLU A 13 -1.58 -6.33 5.97
C GLU A 13 -2.34 -5.12 5.42
N CYS A 14 -1.68 -3.97 5.46
CA CYS A 14 -2.29 -2.74 4.97
C CYS A 14 -1.24 -1.81 4.37
N CYS A 15 -1.43 -1.46 3.10
CA CYS A 15 -0.49 -0.58 2.41
C CYS A 15 -1.11 0.79 2.17
N CYS A 16 -0.58 1.80 2.84
CA CYS A 16 -1.09 3.17 2.71
C CYS A 16 -0.17 3.99 1.81
N GLU A 17 -0.74 5.02 1.18
CA GLU A 17 0.03 5.89 0.30
C GLU A 17 1.21 6.50 1.03
N PRO A 18 2.20 6.99 0.25
CA PRO A 18 2.17 6.93 -1.20
C PRO A 18 2.32 5.51 -1.74
N ASN A 19 2.68 4.58 -0.85
CA ASN A 19 2.86 3.19 -1.23
C ASN A 19 1.63 2.67 -1.95
N SER A 20 1.74 1.45 -2.49
CA SER A 20 0.63 0.84 -3.21
C SER A 20 0.54 -0.66 -2.91
N CYS A 21 -0.67 -1.19 -2.95
CA CYS A 21 -0.90 -2.61 -2.67
C CYS A 21 -1.01 -3.41 -3.97
N ILE A 22 0.12 -3.93 -4.43
CA ILE A 22 0.14 -4.72 -5.66
C ILE A 22 0.88 -6.04 -5.45
N ASP A 23 0.56 -7.03 -6.27
CA ASP A 23 1.20 -8.34 -6.19
C ASP A 23 1.04 -8.92 -4.79
N GLY A 24 0.04 -8.45 -4.06
CA GLY A 24 -0.19 -8.94 -2.71
C GLY A 24 0.81 -8.40 -1.72
N THR A 25 1.68 -7.51 -2.18
CA THR A 25 2.71 -6.92 -1.33
C THR A 25 2.62 -5.39 -1.34
N CYS A 26 3.38 -4.76 -0.45
CA CYS A 26 3.39 -3.30 -0.35
C CYS A 26 4.47 -2.71 -1.25
N HIS A 27 4.07 -2.22 -2.42
CA HIS A 27 5.01 -1.63 -3.36
C HIS A 27 5.35 -0.20 -2.96
N HIS A 28 6.48 -0.03 -2.29
CA HIS A 28 6.92 1.29 -1.84
C HIS A 28 6.96 2.27 -3.02
N GLU A 29 7.11 3.55 -2.70
CA GLU A 29 7.16 4.59 -3.73
C GLU A 29 8.33 5.54 -3.49
N SER A 30 9.23 5.63 -4.46
CA SER A 30 10.40 6.50 -4.34
C SER A 30 10.95 6.86 -5.71
N SER A 31 11.46 8.09 -5.83
CA SER A 31 12.00 8.56 -7.10
C SER A 31 13.52 8.74 -7.01
N PRO A 32 14.18 8.77 -8.17
CA PRO A 32 15.64 8.94 -8.24
C PRO A 32 16.08 10.35 -7.83
N ASN A 33 16.27 10.54 -6.53
CA ASN A 33 16.71 11.82 -6.01
C ASN A 33 18.23 11.89 -5.90
N GLU A 1 -15.98 -0.72 5.18
CA GLU A 1 -14.92 -1.73 5.15
C GLU A 1 -13.67 -1.15 4.49
N ASP A 2 -13.03 -0.21 5.19
CA ASP A 2 -11.81 0.42 4.69
C ASP A 2 -10.61 0.02 5.53
N CYS A 3 -9.43 0.10 4.93
CA CYS A 3 -8.19 -0.26 5.63
C CYS A 3 -7.62 0.95 6.37
N GLY A 4 -7.22 1.97 5.62
CA GLY A 4 -6.66 3.16 6.21
C GLY A 4 -6.66 4.35 5.27
N SER A 5 -5.92 5.39 5.63
CA SER A 5 -5.83 6.58 4.80
C SER A 5 -5.22 6.27 3.45
N ASP A 6 -6.08 6.02 2.46
CA ASP A 6 -5.62 5.71 1.11
C ASP A 6 -4.84 4.40 1.10
N CYS A 7 -5.16 3.52 2.04
CA CYS A 7 -4.48 2.23 2.14
C CYS A 7 -5.38 1.11 1.61
N MET A 8 -4.75 -0.01 1.24
CA MET A 8 -5.50 -1.15 0.72
C MET A 8 -5.06 -2.44 1.43
N PRO A 9 -5.98 -3.43 1.47
CA PRO A 9 -5.72 -4.72 2.11
C PRO A 9 -4.70 -5.55 1.34
N CYS A 10 -3.60 -5.90 2.01
CA CYS A 10 -2.54 -6.69 1.39
C CYS A 10 -2.30 -7.97 2.18
N GLY A 11 -3.13 -8.99 1.92
CA GLY A 11 -2.99 -10.25 2.62
C GLY A 11 -2.93 -10.09 4.12
N GLY A 12 -4.03 -9.61 4.70
CA GLY A 12 -4.07 -9.41 6.14
C GLY A 12 -3.22 -8.23 6.60
N GLU A 13 -2.76 -7.44 5.63
CA GLU A 13 -1.93 -6.27 5.95
C GLU A 13 -2.59 -4.99 5.43
N CYS A 14 -1.84 -3.90 5.47
CA CYS A 14 -2.33 -2.61 5.01
C CYS A 14 -1.21 -1.77 4.42
N CYS A 15 -1.31 -1.49 3.12
CA CYS A 15 -0.30 -0.69 2.44
C CYS A 15 -0.81 0.72 2.16
N CYS A 16 -0.20 1.69 2.82
CA CYS A 16 -0.59 3.09 2.65
C CYS A 16 0.40 3.83 1.77
N GLU A 17 -0.07 4.90 1.11
CA GLU A 17 0.78 5.69 0.23
C GLU A 17 1.99 6.22 0.99
N PRO A 18 3.03 6.61 0.23
CA PRO A 18 3.01 6.54 -1.23
C PRO A 18 3.05 5.11 -1.74
N ASN A 19 3.34 4.17 -0.85
CA ASN A 19 3.40 2.75 -1.21
C ASN A 19 2.14 2.32 -1.94
N SER A 20 2.15 1.09 -2.46
CA SER A 20 1.00 0.56 -3.18
C SER A 20 0.79 -0.92 -2.86
N CYS A 21 -0.47 -1.35 -2.90
CA CYS A 21 -0.81 -2.73 -2.62
C CYS A 21 -0.97 -3.54 -3.90
N ILE A 22 0.11 -4.17 -4.34
CA ILE A 22 0.09 -4.97 -5.55
C ILE A 22 0.71 -6.34 -5.32
N ASP A 23 0.32 -7.32 -6.14
CA ASP A 23 0.85 -8.67 -6.03
C ASP A 23 0.63 -9.22 -4.61
N GLY A 24 -0.34 -8.66 -3.91
CA GLY A 24 -0.63 -9.10 -2.56
C GLY A 24 0.41 -8.64 -1.56
N THR A 25 1.35 -7.83 -2.03
CA THR A 25 2.41 -7.30 -1.16
C THR A 25 2.45 -5.79 -1.20
N CYS A 26 3.25 -5.20 -0.31
CA CYS A 26 3.38 -3.75 -0.24
C CYS A 26 4.52 -3.27 -1.12
N HIS A 27 4.17 -2.77 -2.31
CA HIS A 27 5.16 -2.26 -3.25
C HIS A 27 5.62 -0.86 -2.86
N HIS A 28 6.76 -0.78 -2.19
CA HIS A 28 7.31 0.51 -1.76
C HIS A 28 7.39 1.48 -2.93
N GLU A 29 7.65 2.75 -2.62
CA GLU A 29 7.74 3.77 -3.65
C GLU A 29 8.82 4.80 -3.30
N SER A 30 9.66 5.13 -4.27
CA SER A 30 10.74 6.09 -4.06
C SER A 30 10.43 7.41 -4.76
N SER A 31 11.08 8.48 -4.31
CA SER A 31 10.88 9.80 -4.89
C SER A 31 12.04 10.19 -5.78
N PRO A 32 11.81 11.17 -6.68
CA PRO A 32 12.84 11.66 -7.60
C PRO A 32 13.94 12.43 -6.90
N ASN A 33 14.95 12.83 -7.66
CA ASN A 33 16.08 13.58 -7.10
C ASN A 33 16.43 14.77 -7.99
N GLU A 1 -15.51 -0.77 4.29
CA GLU A 1 -14.39 -1.69 4.16
C GLU A 1 -13.10 -0.95 3.82
N ASP A 2 -12.85 0.14 4.53
CA ASP A 2 -11.65 0.94 4.30
C ASP A 2 -10.50 0.49 5.21
N CYS A 3 -9.28 0.75 4.78
CA CYS A 3 -8.10 0.37 5.55
C CYS A 3 -7.50 1.57 6.26
N GLY A 4 -6.97 2.52 5.47
CA GLY A 4 -6.37 3.71 6.04
C GLY A 4 -6.30 4.85 5.05
N SER A 5 -5.50 5.86 5.37
CA SER A 5 -5.35 7.03 4.50
C SER A 5 -4.75 6.61 3.16
N ASP A 6 -5.64 6.38 2.18
CA ASP A 6 -5.21 5.99 0.84
C ASP A 6 -4.48 4.64 0.88
N CYS A 7 -4.84 3.82 1.86
CA CYS A 7 -4.22 2.50 2.01
C CYS A 7 -5.17 1.41 1.53
N MET A 8 -4.62 0.25 1.23
CA MET A 8 -5.42 -0.89 0.76
C MET A 8 -5.03 -2.16 1.51
N PRO A 9 -5.98 -3.11 1.59
CA PRO A 9 -5.76 -4.39 2.27
C PRO A 9 -4.80 -5.29 1.51
N CYS A 10 -3.71 -5.67 2.17
CA CYS A 10 -2.70 -6.53 1.55
C CYS A 10 -2.50 -7.80 2.37
N GLY A 11 -3.38 -8.78 2.17
CA GLY A 11 -3.28 -10.04 2.89
C GLY A 11 -3.19 -9.82 4.39
N GLY A 12 -4.31 -9.43 5.00
CA GLY A 12 -4.34 -9.21 6.42
C GLY A 12 -3.44 -8.06 6.85
N GLU A 13 -3.01 -7.27 5.88
CA GLU A 13 -2.13 -6.13 6.15
C GLU A 13 -2.69 -4.85 5.53
N CYS A 14 -1.88 -3.80 5.54
CA CYS A 14 -2.30 -2.51 4.97
C CYS A 14 -1.11 -1.80 4.34
N CYS A 15 -1.29 -1.35 3.10
CA CYS A 15 -0.23 -0.65 2.38
C CYS A 15 -0.65 0.79 2.07
N CYS A 16 0.02 1.74 2.71
CA CYS A 16 -0.28 3.15 2.51
C CYS A 16 0.76 3.80 1.59
N GLU A 17 0.35 4.87 0.90
CA GLU A 17 1.24 5.58 0.00
C GLU A 17 2.50 6.05 0.73
N PRO A 18 3.55 6.36 -0.04
CA PRO A 18 3.52 6.24 -1.50
C PRO A 18 3.47 4.80 -1.97
N ASN A 19 3.69 3.87 -1.04
CA ASN A 19 3.68 2.45 -1.36
C ASN A 19 2.39 2.07 -2.09
N SER A 20 2.33 0.83 -2.58
CA SER A 20 1.16 0.35 -3.29
C SER A 20 0.86 -1.10 -2.92
N CYS A 21 -0.42 -1.46 -2.96
CA CYS A 21 -0.85 -2.82 -2.63
C CYS A 21 -1.06 -3.64 -3.90
N ILE A 22 -0.02 -4.35 -4.32
CA ILE A 22 -0.09 -5.18 -5.51
C ILE A 22 0.45 -6.58 -5.25
N ASP A 23 -0.01 -7.54 -6.03
CA ASP A 23 0.43 -8.93 -5.88
C ASP A 23 0.18 -9.42 -4.46
N GLY A 24 -0.76 -8.77 -3.77
CA GLY A 24 -1.08 -9.17 -2.41
C GLY A 24 0.00 -8.73 -1.42
N THR A 25 0.99 -8.00 -1.91
CA THR A 25 2.08 -7.53 -1.06
C THR A 25 2.21 -6.01 -1.14
N CYS A 26 3.03 -5.45 -0.25
CA CYS A 26 3.25 -4.00 -0.22
C CYS A 26 4.43 -3.62 -1.12
N HIS A 27 4.11 -3.13 -2.31
CA HIS A 27 5.14 -2.72 -3.27
C HIS A 27 5.68 -1.34 -2.92
N HIS A 28 6.84 -1.32 -2.26
CA HIS A 28 7.47 -0.06 -1.87
C HIS A 28 7.62 0.87 -3.07
N GLU A 29 7.90 2.14 -2.80
CA GLU A 29 8.07 3.12 -3.86
C GLU A 29 9.25 4.04 -3.56
N SER A 30 9.78 4.68 -4.61
CA SER A 30 10.91 5.58 -4.46
C SER A 30 10.94 6.61 -5.59
N SER A 31 10.99 7.88 -5.22
CA SER A 31 11.02 8.96 -6.20
C SER A 31 12.11 9.96 -5.87
N PRO A 32 12.51 10.77 -6.87
CA PRO A 32 13.55 11.77 -6.72
C PRO A 32 13.10 12.94 -5.84
N ASN A 33 14.04 13.79 -5.46
CA ASN A 33 13.74 14.95 -4.62
C ASN A 33 12.87 14.55 -3.44
N GLU A 1 -15.08 -1.03 3.98
CA GLU A 1 -14.33 -0.10 4.80
C GLU A 1 -12.98 0.22 4.17
N ASP A 2 -12.42 1.37 4.51
CA ASP A 2 -11.14 1.80 3.97
C ASP A 2 -10.00 1.25 4.83
N CYS A 3 -8.78 1.35 4.30
CA CYS A 3 -7.59 0.87 5.02
C CYS A 3 -6.90 2.01 5.75
N GLY A 4 -6.39 2.97 4.99
CA GLY A 4 -5.71 4.11 5.59
C GLY A 4 -5.55 5.26 4.63
N SER A 5 -4.70 6.22 4.98
CA SER A 5 -4.46 7.38 4.14
C SER A 5 -3.89 6.98 2.78
N ASP A 6 -4.76 6.82 1.80
CA ASP A 6 -4.34 6.44 0.45
C ASP A 6 -3.72 5.04 0.46
N CYS A 7 -4.13 4.22 1.42
CA CYS A 7 -3.60 2.86 1.54
C CYS A 7 -4.63 1.84 1.03
N MET A 8 -4.15 0.65 0.72
CA MET A 8 -5.02 -0.42 0.24
C MET A 8 -4.79 -1.71 1.01
N PRO A 9 -5.83 -2.55 1.08
CA PRO A 9 -5.78 -3.83 1.78
C PRO A 9 -4.87 -4.84 1.09
N CYS A 10 -3.98 -5.47 1.85
CA CYS A 10 -3.06 -6.45 1.30
C CYS A 10 -3.01 -7.71 2.18
N GLY A 11 -4.15 -8.38 2.29
CA GLY A 11 -4.22 -9.58 3.10
C GLY A 11 -3.77 -9.35 4.53
N GLY A 12 -4.67 -8.81 5.35
CA GLY A 12 -4.34 -8.54 6.74
C GLY A 12 -3.25 -7.49 6.88
N GLU A 13 -2.97 -6.79 5.80
CA GLU A 13 -1.93 -5.75 5.81
C GLU A 13 -2.45 -4.46 5.18
N CYS A 14 -1.61 -3.44 5.16
CA CYS A 14 -1.98 -2.15 4.60
C CYS A 14 -0.77 -1.46 3.97
N CYS A 15 -0.84 -1.23 2.66
CA CYS A 15 0.25 -0.58 1.94
C CYS A 15 -0.12 0.85 1.59
N CYS A 16 0.59 1.80 2.19
CA CYS A 16 0.34 3.22 1.94
C CYS A 16 1.40 3.80 1.01
N GLU A 17 1.03 4.86 0.29
CA GLU A 17 1.95 5.51 -0.63
C GLU A 17 3.22 5.97 0.08
N PRO A 18 4.29 6.21 -0.68
CA PRO A 18 4.26 6.05 -2.15
C PRO A 18 4.16 4.59 -2.57
N ASN A 19 4.35 3.69 -1.61
CA ASN A 19 4.28 2.25 -1.89
C ASN A 19 2.98 1.91 -2.61
N SER A 20 2.88 0.65 -3.06
CA SER A 20 1.69 0.19 -3.76
C SER A 20 1.33 -1.23 -3.34
N CYS A 21 0.04 -1.54 -3.37
CA CYS A 21 -0.45 -2.86 -2.99
C CYS A 21 -0.69 -3.73 -4.23
N ILE A 22 0.33 -4.49 -4.62
CA ILE A 22 0.22 -5.36 -5.78
C ILE A 22 0.71 -6.77 -5.46
N ASP A 23 0.23 -7.75 -6.21
CA ASP A 23 0.60 -9.14 -6.00
C ASP A 23 0.34 -9.58 -4.57
N GLY A 24 -0.58 -8.87 -3.90
CA GLY A 24 -0.90 -9.19 -2.54
C GLY A 24 0.17 -8.78 -1.56
N THR A 25 1.19 -8.09 -2.06
CA THR A 25 2.29 -7.63 -1.23
C THR A 25 2.49 -6.13 -1.36
N CYS A 26 3.34 -5.57 -0.49
CA CYS A 26 3.61 -4.14 -0.52
C CYS A 26 4.80 -3.83 -1.43
N HIS A 27 4.51 -3.37 -2.64
CA HIS A 27 5.55 -3.04 -3.61
C HIS A 27 6.15 -1.67 -3.31
N HIS A 28 7.30 -1.66 -2.65
CA HIS A 28 7.97 -0.41 -2.30
C HIS A 28 8.14 0.47 -3.52
N GLU A 29 8.48 1.75 -3.29
CA GLU A 29 8.67 2.69 -4.38
C GLU A 29 9.78 3.69 -4.05
N SER A 30 10.20 4.45 -5.05
CA SER A 30 11.25 5.44 -4.87
C SER A 30 10.85 6.78 -5.46
N SER A 31 9.82 7.40 -4.90
CA SER A 31 9.33 8.68 -5.38
C SER A 31 8.68 9.47 -4.25
N PRO A 32 9.52 9.95 -3.30
CA PRO A 32 9.05 10.73 -2.17
C PRO A 32 8.55 12.12 -2.57
N ASN A 33 7.53 12.60 -1.87
CA ASN A 33 6.97 13.92 -2.16
C ASN A 33 6.58 14.63 -0.87
N GLU A 1 -14.95 -1.54 2.11
CA GLU A 1 -13.79 -2.23 2.64
C GLU A 1 -12.61 -1.28 2.79
N ASP A 2 -12.74 -0.32 3.71
CA ASP A 2 -11.69 0.65 3.96
C ASP A 2 -10.57 0.04 4.79
N CYS A 3 -9.35 0.53 4.58
CA CYS A 3 -8.18 0.04 5.31
C CYS A 3 -7.60 1.12 6.21
N GLY A 4 -7.08 2.17 5.59
CA GLY A 4 -6.50 3.27 6.35
C GLY A 4 -6.37 4.53 5.53
N SER A 5 -5.58 5.48 6.03
CA SER A 5 -5.37 6.75 5.34
C SER A 5 -4.73 6.53 3.98
N ASP A 6 -5.56 6.45 2.95
CA ASP A 6 -5.07 6.24 1.58
C ASP A 6 -4.37 4.89 1.45
N CYS A 7 -4.75 3.95 2.31
CA CYS A 7 -4.16 2.61 2.30
C CYS A 7 -5.11 1.61 1.65
N MET A 8 -4.56 0.46 1.24
CA MET A 8 -5.35 -0.59 0.61
C MET A 8 -5.10 -1.93 1.26
N PRO A 9 -6.09 -2.83 1.19
CA PRO A 9 -5.99 -4.17 1.77
C PRO A 9 -5.02 -5.06 1.00
N CYS A 10 -4.12 -5.72 1.74
CA CYS A 10 -3.13 -6.59 1.14
C CYS A 10 -3.06 -7.92 1.88
N GLY A 11 -4.16 -8.66 1.87
CA GLY A 11 -4.21 -9.95 2.55
C GLY A 11 -3.82 -9.85 4.02
N GLY A 12 -4.77 -9.44 4.84
CA GLY A 12 -4.49 -9.31 6.27
C GLY A 12 -3.47 -8.23 6.56
N GLU A 13 -3.18 -7.40 5.57
CA GLU A 13 -2.21 -6.33 5.72
C GLU A 13 -2.77 -5.00 5.22
N CYS A 14 -1.97 -3.94 5.34
CA CYS A 14 -2.39 -2.62 4.89
C CYS A 14 -1.20 -1.81 4.39
N CYS A 15 -1.23 -1.45 3.11
CA CYS A 15 -0.16 -0.68 2.50
C CYS A 15 -0.58 0.76 2.28
N CYS A 16 0.06 1.68 3.00
CA CYS A 16 -0.26 3.09 2.89
C CYS A 16 0.81 3.83 2.07
N GLU A 17 0.41 4.94 1.45
CA GLU A 17 1.34 5.72 0.63
C GLU A 17 2.55 6.15 1.45
N PRO A 18 3.64 6.53 0.75
CA PRO A 18 3.67 6.53 -0.72
C PRO A 18 3.66 5.11 -1.29
N ASN A 19 3.86 4.12 -0.42
CA ASN A 19 3.87 2.72 -0.85
C ASN A 19 2.61 2.39 -1.65
N SER A 20 2.60 1.19 -2.22
CA SER A 20 1.46 0.74 -3.03
C SER A 20 1.15 -0.73 -2.77
N CYS A 21 -0.12 -1.09 -2.88
CA CYS A 21 -0.55 -2.46 -2.66
C CYS A 21 -0.70 -3.21 -3.99
N ILE A 22 0.37 -3.88 -4.41
CA ILE A 22 0.36 -4.63 -5.66
C ILE A 22 0.90 -6.04 -5.45
N ASP A 23 0.50 -6.96 -6.33
CA ASP A 23 0.94 -8.35 -6.25
C ASP A 23 0.63 -8.94 -4.87
N GLY A 24 -0.34 -8.35 -4.18
CA GLY A 24 -0.70 -8.83 -2.86
C GLY A 24 0.32 -8.46 -1.80
N THR A 25 1.32 -7.69 -2.20
CA THR A 25 2.37 -7.26 -1.28
C THR A 25 2.49 -5.75 -1.24
N CYS A 26 3.28 -5.24 -0.29
CA CYS A 26 3.48 -3.80 -0.16
C CYS A 26 4.68 -3.35 -0.98
N HIS A 27 4.41 -2.78 -2.14
CA HIS A 27 5.46 -2.29 -3.03
C HIS A 27 5.98 -0.93 -2.56
N HIS A 28 7.10 -0.95 -1.84
CA HIS A 28 7.69 0.29 -1.34
C HIS A 28 7.88 1.30 -2.46
N GLU A 29 8.17 2.54 -2.09
CA GLU A 29 8.37 3.61 -3.07
C GLU A 29 9.41 4.60 -2.59
N SER A 30 10.41 4.87 -3.42
CA SER A 30 11.48 5.79 -3.08
C SER A 30 11.10 7.22 -3.48
N SER A 31 10.30 7.35 -4.52
CA SER A 31 9.87 8.65 -5.01
C SER A 31 11.07 9.56 -5.27
N PRO A 32 11.80 9.27 -6.36
CA PRO A 32 12.98 10.04 -6.76
C PRO A 32 12.62 11.44 -7.25
N ASN A 33 11.42 11.58 -7.80
CA ASN A 33 10.95 12.86 -8.30
C ASN A 33 10.14 13.61 -7.25
N GLU A 1 -15.68 -0.33 3.84
CA GLU A 1 -14.66 -1.34 3.60
C GLU A 1 -13.32 -0.68 3.24
N ASP A 2 -12.94 0.33 4.02
CA ASP A 2 -11.68 1.04 3.79
C ASP A 2 -10.56 0.45 4.63
N CYS A 3 -9.33 0.72 4.23
CA CYS A 3 -8.16 0.21 4.95
C CYS A 3 -7.57 1.29 5.85
N GLY A 4 -7.07 2.36 5.23
CA GLY A 4 -6.48 3.45 5.99
C GLY A 4 -6.31 4.71 5.16
N SER A 5 -5.53 5.65 5.68
CA SER A 5 -5.28 6.91 4.98
C SER A 5 -4.59 6.67 3.65
N ASP A 6 -5.38 6.58 2.58
CA ASP A 6 -4.83 6.35 1.24
C ASP A 6 -4.15 4.99 1.16
N CYS A 7 -4.60 4.06 1.99
CA CYS A 7 -4.02 2.72 2.01
C CYS A 7 -4.95 1.72 1.32
N MET A 8 -4.39 0.58 0.94
CA MET A 8 -5.17 -0.46 0.26
C MET A 8 -4.94 -1.82 0.91
N PRO A 9 -5.93 -2.71 0.81
CA PRO A 9 -5.86 -4.06 1.37
C PRO A 9 -4.86 -4.95 0.64
N CYS A 10 -3.99 -5.60 1.40
CA CYS A 10 -2.98 -6.48 0.82
C CYS A 10 -2.93 -7.81 1.57
N GLY A 11 -4.01 -8.58 1.46
CA GLY A 11 -4.08 -9.87 2.12
C GLY A 11 -3.78 -9.77 3.60
N GLY A 12 -4.77 -9.37 4.39
CA GLY A 12 -4.59 -9.24 5.82
C GLY A 12 -3.57 -8.18 6.18
N GLU A 13 -3.22 -7.34 5.21
CA GLU A 13 -2.25 -6.26 5.43
C GLU A 13 -2.77 -4.94 4.89
N CYS A 14 -2.03 -3.87 5.15
CA CYS A 14 -2.41 -2.55 4.68
C CYS A 14 -1.19 -1.75 4.24
N CYS A 15 -1.18 -1.35 2.97
CA CYS A 15 -0.07 -0.59 2.42
C CYS A 15 -0.47 0.87 2.19
N CYS A 16 0.15 1.78 2.94
CA CYS A 16 -0.15 3.20 2.83
C CYS A 16 0.96 3.92 2.07
N GLU A 17 0.62 5.04 1.45
CA GLU A 17 1.58 5.83 0.69
C GLU A 17 2.76 6.23 1.57
N PRO A 18 3.88 6.60 0.93
CA PRO A 18 3.99 6.61 -0.53
C PRO A 18 3.99 5.21 -1.13
N ASN A 19 4.13 4.21 -0.26
CA ASN A 19 4.15 2.82 -0.71
C ASN A 19 2.93 2.51 -1.57
N SER A 20 2.92 1.31 -2.16
CA SER A 20 1.82 0.89 -3.01
C SER A 20 1.48 -0.58 -2.79
N CYS A 21 0.21 -0.92 -2.97
CA CYS A 21 -0.24 -2.29 -2.78
C CYS A 21 -0.33 -3.02 -4.12
N ILE A 22 0.75 -3.71 -4.50
CA ILE A 22 0.79 -4.44 -5.75
C ILE A 22 1.30 -5.86 -5.55
N ASP A 23 0.93 -6.76 -6.44
CA ASP A 23 1.36 -8.15 -6.35
C ASP A 23 0.99 -8.76 -5.01
N GLY A 24 -0.01 -8.17 -4.36
CA GLY A 24 -0.44 -8.67 -3.06
C GLY A 24 0.53 -8.32 -1.96
N THR A 25 1.56 -7.54 -2.29
CA THR A 25 2.56 -7.15 -1.31
C THR A 25 2.70 -5.62 -1.26
N CYS A 26 3.45 -5.14 -0.27
CA CYS A 26 3.66 -3.71 -0.10
C CYS A 26 4.91 -3.25 -0.86
N HIS A 27 4.69 -2.66 -2.03
CA HIS A 27 5.79 -2.18 -2.86
C HIS A 27 6.29 -0.83 -2.37
N HIS A 28 7.37 -0.86 -1.58
CA HIS A 28 7.95 0.36 -1.04
C HIS A 28 8.20 1.38 -2.15
N GLU A 29 8.50 2.61 -1.74
CA GLU A 29 8.77 3.68 -2.70
C GLU A 29 9.84 4.63 -2.18
N SER A 30 10.96 4.70 -2.90
CA SER A 30 12.06 5.57 -2.51
C SER A 30 12.28 6.68 -3.53
N SER A 31 11.20 7.39 -3.87
CA SER A 31 11.27 8.48 -4.83
C SER A 31 9.92 9.16 -4.98
N PRO A 32 9.94 10.40 -5.52
CA PRO A 32 8.72 11.18 -5.72
C PRO A 32 7.83 10.61 -6.83
N ASN A 33 8.47 10.01 -7.82
CA ASN A 33 7.73 9.42 -8.94
C ASN A 33 6.97 10.49 -9.72
N GLU A 1 -15.69 1.30 4.97
CA GLU A 1 -14.63 1.08 5.94
C GLU A 1 -13.37 0.53 5.26
N ASP A 2 -12.73 1.38 4.47
CA ASP A 2 -11.52 0.98 3.75
C ASP A 2 -10.39 0.65 4.73
N CYS A 3 -9.26 0.22 4.20
CA CYS A 3 -8.12 -0.13 5.03
C CYS A 3 -7.59 1.10 5.77
N GLY A 4 -7.07 2.06 5.02
CA GLY A 4 -6.54 3.28 5.62
C GLY A 4 -6.51 4.44 4.66
N SER A 5 -5.75 5.47 5.01
CA SER A 5 -5.65 6.66 4.16
C SER A 5 -5.04 6.31 2.81
N ASP A 6 -5.89 6.06 1.82
CA ASP A 6 -5.44 5.71 0.49
C ASP A 6 -4.67 4.39 0.49
N CYS A 7 -4.98 3.54 1.46
CA CYS A 7 -4.32 2.25 1.58
C CYS A 7 -5.23 1.13 1.10
N MET A 8 -4.64 -0.04 0.84
CA MET A 8 -5.40 -1.19 0.36
C MET A 8 -5.03 -2.45 1.15
N PRO A 9 -5.96 -3.40 1.21
CA PRO A 9 -5.76 -4.68 1.93
C PRO A 9 -4.74 -5.57 1.24
N CYS A 10 -3.66 -5.90 1.95
CA CYS A 10 -2.61 -6.75 1.41
C CYS A 10 -2.41 -7.98 2.28
N GLY A 11 -3.26 -8.99 2.09
CA GLY A 11 -3.15 -10.21 2.87
C GLY A 11 -3.10 -9.94 4.36
N GLY A 12 -4.18 -9.39 4.90
CA GLY A 12 -4.23 -9.09 6.32
C GLY A 12 -3.35 -7.92 6.70
N GLU A 13 -2.85 -7.20 5.70
CA GLU A 13 -1.99 -6.05 5.93
C GLU A 13 -2.62 -4.77 5.37
N CYS A 14 -1.84 -3.70 5.33
CA CYS A 14 -2.33 -2.43 4.83
C CYS A 14 -1.19 -1.62 4.20
N CYS A 15 -1.23 -1.49 2.88
CA CYS A 15 -0.21 -0.74 2.15
C CYS A 15 -0.69 0.67 1.82
N CYS A 16 -0.02 1.66 2.38
CA CYS A 16 -0.38 3.06 2.15
C CYS A 16 0.66 3.75 1.28
N GLU A 17 0.24 4.76 0.54
CA GLU A 17 1.13 5.51 -0.33
C GLU A 17 2.35 6.02 0.45
N PRO A 18 3.44 6.30 -0.28
CA PRO A 18 3.49 6.15 -1.73
C PRO A 18 3.47 4.69 -2.16
N ASN A 19 3.67 3.79 -1.20
CA ASN A 19 3.68 2.36 -1.48
C ASN A 19 2.42 1.94 -2.22
N SER A 20 2.39 0.69 -2.67
CA SER A 20 1.24 0.17 -3.41
C SER A 20 0.98 -1.28 -3.03
N CYS A 21 -0.30 -1.68 -3.09
CA CYS A 21 -0.69 -3.04 -2.75
C CYS A 21 -0.86 -3.89 -4.01
N ILE A 22 0.21 -4.57 -4.42
CA ILE A 22 0.17 -5.41 -5.61
C ILE A 22 0.73 -6.80 -5.31
N ASP A 23 0.32 -7.78 -6.10
CA ASP A 23 0.77 -9.15 -5.93
C ASP A 23 0.50 -9.64 -4.50
N GLY A 24 -0.45 -9.00 -3.84
CA GLY A 24 -0.79 -9.39 -2.48
C GLY A 24 0.24 -8.92 -1.47
N THR A 25 1.23 -8.18 -1.95
CA THR A 25 2.29 -7.67 -1.08
C THR A 25 2.39 -6.15 -1.17
N CYS A 26 3.18 -5.56 -0.28
CA CYS A 26 3.37 -4.11 -0.26
C CYS A 26 4.55 -3.71 -1.13
N HIS A 27 4.26 -3.25 -2.34
CA HIS A 27 5.30 -2.82 -3.27
C HIS A 27 5.80 -1.41 -2.92
N HIS A 28 6.94 -1.36 -2.24
CA HIS A 28 7.52 -0.07 -1.85
C HIS A 28 7.64 0.85 -3.05
N GLU A 29 7.94 2.13 -2.78
CA GLU A 29 8.09 3.12 -3.85
C GLU A 29 9.12 4.17 -3.46
N SER A 30 9.58 4.93 -4.46
CA SER A 30 10.57 5.97 -4.22
C SER A 30 10.53 7.02 -5.33
N SER A 31 11.11 8.18 -5.06
CA SER A 31 11.13 9.28 -6.03
C SER A 31 12.37 10.14 -5.85
N PRO A 32 12.72 10.91 -6.88
CA PRO A 32 13.88 11.80 -6.86
C PRO A 32 13.68 12.99 -5.93
N ASN A 33 12.51 13.62 -6.02
CA ASN A 33 12.19 14.77 -5.19
C ASN A 33 13.15 15.92 -5.45
N GLU A 1 -13.89 -3.43 1.75
CA GLU A 1 -14.04 -2.31 2.68
C GLU A 1 -12.75 -1.48 2.73
N ASP A 2 -12.87 -0.27 3.25
CA ASP A 2 -11.71 0.63 3.36
C ASP A 2 -10.71 0.10 4.36
N CYS A 3 -9.43 0.40 4.14
CA CYS A 3 -8.37 -0.05 5.03
C CYS A 3 -7.88 1.10 5.92
N GLY A 4 -7.23 2.08 5.29
CA GLY A 4 -6.72 3.22 6.04
C GLY A 4 -6.62 4.47 5.19
N SER A 5 -5.90 5.47 5.69
CA SER A 5 -5.74 6.73 4.97
C SER A 5 -5.04 6.50 3.63
N ASP A 6 -5.83 6.36 2.58
CA ASP A 6 -5.30 6.14 1.23
C ASP A 6 -4.55 4.81 1.17
N CYS A 7 -4.99 3.84 1.95
CA CYS A 7 -4.36 2.53 1.97
C CYS A 7 -5.25 1.47 1.33
N MET A 8 -4.68 0.33 0.98
CA MET A 8 -5.42 -0.76 0.37
C MET A 8 -5.10 -2.09 1.03
N PRO A 9 -6.05 -3.05 0.96
CA PRO A 9 -5.88 -4.37 1.55
C PRO A 9 -4.84 -5.21 0.81
N CYS A 10 -3.81 -5.63 1.53
CA CYS A 10 -2.75 -6.44 0.95
C CYS A 10 -2.58 -7.75 1.71
N GLY A 11 -3.43 -8.73 1.38
CA GLY A 11 -3.35 -10.02 2.04
C GLY A 11 -3.37 -9.90 3.56
N GLY A 12 -4.47 -9.38 4.10
CA GLY A 12 -4.58 -9.22 5.53
C GLY A 12 -3.71 -8.10 6.06
N GLU A 13 -3.15 -7.31 5.15
CA GLU A 13 -2.29 -6.20 5.54
C GLU A 13 -2.89 -4.87 5.09
N CYS A 14 -2.09 -3.80 5.19
CA CYS A 14 -2.54 -2.48 4.80
C CYS A 14 -1.37 -1.63 4.30
N CYS A 15 -1.36 -1.36 3.01
CA CYS A 15 -0.29 -0.56 2.39
C CYS A 15 -0.76 0.87 2.18
N CYS A 16 -0.11 1.81 2.88
CA CYS A 16 -0.45 3.23 2.77
C CYS A 16 0.64 3.98 2.02
N GLU A 17 0.25 5.07 1.36
CA GLU A 17 1.19 5.89 0.59
C GLU A 17 2.36 6.31 1.46
N PRO A 18 3.48 6.66 0.81
CA PRO A 18 3.58 6.64 -0.65
C PRO A 18 3.57 5.22 -1.22
N ASN A 19 3.74 4.23 -0.34
CA ASN A 19 3.75 2.84 -0.75
C ASN A 19 2.52 2.51 -1.59
N SER A 20 2.50 1.31 -2.15
CA SER A 20 1.39 0.86 -2.99
C SER A 20 1.09 -0.62 -2.77
N CYS A 21 -0.17 -0.99 -2.92
CA CYS A 21 -0.59 -2.37 -2.73
C CYS A 21 -0.70 -3.09 -4.08
N ILE A 22 0.38 -3.74 -4.50
CA ILE A 22 0.39 -4.46 -5.76
C ILE A 22 0.93 -5.87 -5.58
N ASP A 23 0.54 -6.77 -6.47
CA ASP A 23 1.00 -8.16 -6.42
C ASP A 23 0.66 -8.78 -5.07
N GLY A 24 -0.32 -8.20 -4.37
CA GLY A 24 -0.72 -8.71 -3.08
C GLY A 24 0.26 -8.35 -1.99
N THR A 25 1.29 -7.58 -2.35
CA THR A 25 2.30 -7.17 -1.38
C THR A 25 2.42 -5.65 -1.33
N CYS A 26 3.17 -5.15 -0.35
CA CYS A 26 3.35 -3.71 -0.19
C CYS A 26 4.57 -3.24 -0.96
N HIS A 27 4.33 -2.65 -2.13
CA HIS A 27 5.42 -2.15 -2.97
C HIS A 27 5.91 -0.79 -2.47
N HIS A 28 7.02 -0.80 -1.72
CA HIS A 28 7.58 0.43 -1.18
C HIS A 28 7.81 1.46 -2.29
N GLU A 29 8.10 2.69 -1.90
CA GLU A 29 8.33 3.76 -2.86
C GLU A 29 9.43 4.71 -2.36
N SER A 30 10.50 4.80 -3.14
CA SER A 30 11.63 5.65 -2.78
C SER A 30 12.09 6.46 -3.98
N SER A 31 13.08 7.33 -3.75
CA SER A 31 13.62 8.17 -4.82
C SER A 31 12.55 9.11 -5.36
N PRO A 32 13.00 10.19 -6.03
CA PRO A 32 12.10 11.19 -6.60
C PRO A 32 11.32 10.65 -7.79
N ASN A 33 10.17 11.27 -8.06
CA ASN A 33 9.32 10.85 -9.17
C ASN A 33 9.47 11.80 -10.36
#